data_5EE7
#
_entry.id   5EE7
#
_cell.length_a   37.583
_cell.length_b   71.476
_cell.length_c   183.108
_cell.angle_alpha   90.00
_cell.angle_beta   90.00
_cell.angle_gamma   90.00
#
_symmetry.space_group_name_H-M   'P 21 21 21'
#
loop_
_entity.id
_entity.type
_entity.pdbx_description
1 polymer 'Glucagon receptor,Endolysin,Glucagon receptor'
2 non-polymer '3-[[4-[(1~{S})-1-[3-[3,5-bis(chloranyl)phenyl]-5-(6-methoxynaphthalen-2-yl)pyrazol-1-yl]ethyl]phenyl]carbonylamino]propanoic acid'
3 non-polymer 'OLEIC ACID'
4 non-polymer 3,6,9,12,15,18,21,24-OCTAOXAHEXACOSAN-1-OL
5 non-polymer 'L(+)-TARTARIC ACID'
6 water water
#
_entity_poly.entity_id   1
_entity_poly.type   'polypeptide(L)'
_entity_poly.pdbx_seq_one_letter_code
;KGYSSFQVMYTVGYSLSLAALLLALAILGGLSKLHCTANAIHANLFLSFVLKASAVLFIDGLLRTRYSQKIEDDLSVSTW
LSDGAVAACRVAAVFMQYGIVANYCWLLVEGLYLHNLLGLNIFEMLRIDEGLRLKIYKDTEGYYTIGIGHLLTKSPSLNA
AKSELDKAIGRNTNGVITKDEAEKLFNQDVDAAVRGILRNAKLKPVYDSLDAVRRAALINMVFQMGETGVAGFTNSLRML
QQKRWDEAAVNLAKSRWYNQTPNRAKRVITTFRTGTWDAYPERSFFSLYLGIGWGAPALFVVPWAVVKCLFENVQCWTSN
DNMGFWWILRFPVFLAILINFFIFVRIVQLLVAKLRARQMHHTDYAFRLAKSTLTLIPLLGVHFVVFAFVTDEHAQGTLR
SAKLFFDLALSSFQGLLVAVLYCFLNKEVQSELRRRWHRAAAHHHHHHHHHH
;
_entity_poly.pdbx_strand_id   A
#
# COMPACT_ATOMS: atom_id res chain seq x y z
N TYR A 3 -23.37 22.31 24.82
CA TYR A 3 -23.34 20.97 24.24
C TYR A 3 -24.28 20.86 23.05
N SER A 4 -25.29 21.72 23.01
CA SER A 4 -26.24 21.72 21.91
C SER A 4 -25.54 22.01 20.59
N SER A 5 -24.75 23.08 20.58
CA SER A 5 -23.99 23.46 19.40
C SER A 5 -22.97 22.41 19.02
N PHE A 6 -22.33 21.82 20.03
CA PHE A 6 -21.32 20.79 19.82
C PHE A 6 -21.95 19.55 19.19
N GLN A 7 -23.14 19.21 19.67
CA GLN A 7 -23.86 18.06 19.16
C GLN A 7 -24.27 18.29 17.71
N VAL A 8 -24.72 19.51 17.42
CA VAL A 8 -25.10 19.83 16.05
C VAL A 8 -23.89 19.73 15.14
N MET A 9 -22.75 20.21 15.62
CA MET A 9 -21.56 20.27 14.79
C MET A 9 -21.01 18.88 14.49
N TYR A 10 -20.90 18.02 15.50
CA TYR A 10 -20.40 16.68 15.19
C TYR A 10 -21.44 15.83 14.46
N THR A 11 -22.73 16.17 14.59
CA THR A 11 -23.74 15.46 13.82
C THR A 11 -23.56 15.78 12.34
N VAL A 12 -23.42 17.06 12.03
CA VAL A 12 -23.18 17.46 10.64
C VAL A 12 -21.87 16.88 10.14
N GLY A 13 -20.87 16.83 11.00
CA GLY A 13 -19.56 16.33 10.61
C GLY A 13 -19.55 14.85 10.27
N TYR A 14 -20.14 14.03 11.13
CA TYR A 14 -20.17 12.60 10.88
C TYR A 14 -21.13 12.20 9.76
N SER A 15 -22.26 12.90 9.64
CA SER A 15 -23.19 12.57 8.57
C SER A 15 -22.61 12.96 7.21
N LEU A 16 -21.98 14.13 7.15
CA LEU A 16 -21.34 14.59 5.92
C LEU A 16 -20.16 13.70 5.55
N SER A 17 -19.42 13.29 6.58
CA SER A 17 -18.29 12.38 6.38
C SER A 17 -18.80 11.06 5.83
N LEU A 18 -19.90 10.59 6.37
CA LEU A 18 -20.47 9.31 5.95
C LEU A 18 -20.95 9.36 4.51
N ALA A 19 -21.58 10.47 4.15
CA ALA A 19 -22.05 10.62 2.77
C ALA A 19 -20.86 10.62 1.81
N ALA A 20 -19.84 11.40 2.16
CA ALA A 20 -18.67 11.51 1.31
C ALA A 20 -17.92 10.19 1.18
N LEU A 21 -17.91 9.41 2.27
CA LEU A 21 -17.20 8.14 2.28
C LEU A 21 -17.93 7.08 1.48
N LEU A 22 -19.26 7.04 1.59
CA LEU A 22 -20.03 6.11 0.77
C LEU A 22 -19.91 6.48 -0.71
N LEU A 23 -19.86 7.78 -0.99
CA LEU A 23 -19.71 8.24 -2.36
C LEU A 23 -18.35 7.82 -2.91
N ALA A 24 -17.32 8.00 -2.10
CA ALA A 24 -15.96 7.66 -2.49
C ALA A 24 -15.82 6.15 -2.69
N LEU A 25 -16.50 5.38 -1.85
CA LEU A 25 -16.48 3.93 -1.96
C LEU A 25 -17.16 3.48 -3.24
N ALA A 26 -18.26 4.15 -3.58
CA ALA A 26 -18.98 3.85 -4.81
C ALA A 26 -18.12 4.20 -6.01
N ILE A 27 -17.31 5.25 -5.87
CA ILE A 27 -16.45 5.66 -6.97
C ILE A 27 -15.30 4.67 -7.18
N LEU A 28 -14.60 4.33 -6.10
CA LEU A 28 -13.48 3.41 -6.21
C LEU A 28 -13.94 2.02 -6.64
N GLY A 29 -15.10 1.59 -6.16
CA GLY A 29 -15.61 0.28 -6.50
C GLY A 29 -16.22 0.20 -7.88
N GLY A 30 -16.81 1.30 -8.33
CA GLY A 30 -17.49 1.33 -9.61
C GLY A 30 -16.60 1.60 -10.82
N LEU A 31 -15.41 2.15 -10.58
CA LEU A 31 -14.48 2.44 -11.66
C LEU A 31 -13.37 1.40 -11.69
N SER A 32 -13.48 0.47 -12.64
CA SER A 32 -12.58 -0.68 -12.70
C SER A 32 -11.12 -0.32 -12.97
N LYS A 33 -10.89 0.79 -13.65
CA LYS A 33 -9.52 1.17 -14.00
C LYS A 33 -8.78 1.74 -12.79
N LEU A 34 -9.55 2.05 -11.73
CA LEU A 34 -8.97 2.54 -10.49
C LEU A 34 -8.67 1.42 -9.50
N HIS A 35 -8.83 0.17 -9.96
CA HIS A 35 -8.62 -0.97 -9.08
C HIS A 35 -7.14 -1.30 -8.90
N CYS A 36 -6.50 -0.56 -8.01
CA CYS A 36 -5.12 -0.80 -7.64
C CYS A 36 -5.07 -1.17 -6.16
N THR A 37 -3.89 -1.56 -5.68
CA THR A 37 -3.72 -1.91 -4.27
C THR A 37 -3.98 -0.68 -3.39
N ALA A 38 -3.53 0.48 -3.86
CA ALA A 38 -3.64 1.70 -3.09
C ALA A 38 -5.10 2.06 -2.85
N ASN A 39 -5.93 1.80 -3.85
CA ASN A 39 -7.35 2.09 -3.73
C ASN A 39 -8.08 1.07 -2.87
N ALA A 40 -7.58 -0.16 -2.82
CA ALA A 40 -8.14 -1.14 -1.90
C ALA A 40 -7.86 -0.73 -0.47
N ILE A 41 -6.66 -0.21 -0.25
CA ILE A 41 -6.30 0.30 1.07
C ILE A 41 -7.16 1.51 1.44
N HIS A 42 -7.35 2.40 0.46
CA HIS A 42 -8.18 3.58 0.71
C HIS A 42 -9.62 3.19 1.01
N ALA A 43 -10.09 2.15 0.34
CA ALA A 43 -11.46 1.70 0.54
C ALA A 43 -11.62 1.13 1.94
N ASN A 44 -10.64 0.36 2.41
CA ASN A 44 -10.74 -0.17 3.77
C ASN A 44 -10.65 0.93 4.83
N LEU A 45 -9.84 1.95 4.57
CA LEU A 45 -9.77 3.10 5.47
C LEU A 45 -11.11 3.82 5.54
N PHE A 46 -11.72 3.95 4.36
CA PHE A 46 -13.02 4.59 4.22
C PHE A 46 -14.02 3.83 5.05
N LEU A 47 -13.96 2.50 4.95
CA LEU A 47 -14.90 1.65 5.68
C LEU A 47 -14.74 1.81 7.17
N SER A 48 -13.49 1.94 7.65
CA SER A 48 -13.29 2.09 9.08
C SER A 48 -13.94 3.39 9.56
N PHE A 49 -13.78 4.46 8.77
CA PHE A 49 -14.45 5.71 9.14
C PHE A 49 -15.98 5.62 9.00
N VAL A 50 -16.46 4.79 8.08
CA VAL A 50 -17.89 4.61 7.89
C VAL A 50 -18.49 3.93 9.10
N LEU A 51 -17.72 2.99 9.65
CA LEU A 51 -18.12 2.25 10.82
C LEU A 51 -18.16 3.18 12.03
N LYS A 52 -17.12 4.02 12.12
CA LYS A 52 -17.09 4.96 13.22
C LYS A 52 -18.28 5.91 13.17
N ALA A 53 -18.49 6.54 12.02
CA ALA A 53 -19.52 7.56 11.90
C ALA A 53 -20.91 6.97 12.07
N SER A 54 -21.11 5.76 11.56
CA SER A 54 -22.40 5.10 11.69
C SER A 54 -22.68 4.80 13.15
N ALA A 55 -21.65 4.34 13.85
CA ALA A 55 -21.81 4.04 15.27
C ALA A 55 -22.13 5.31 16.07
N VAL A 56 -21.42 6.40 15.74
CA VAL A 56 -21.61 7.66 16.46
C VAL A 56 -23.02 8.18 16.27
N LEU A 57 -23.47 8.19 15.02
CA LEU A 57 -24.81 8.70 14.72
C LEU A 57 -25.89 7.84 15.36
N PHE A 58 -25.65 6.53 15.43
CA PHE A 58 -26.64 5.64 16.03
C PHE A 58 -26.72 5.83 17.55
N ILE A 59 -25.56 5.87 18.19
CA ILE A 59 -25.50 6.06 19.64
C ILE A 59 -26.11 7.40 20.01
N ASP A 60 -25.83 8.41 19.18
CA ASP A 60 -26.36 9.74 19.40
C ASP A 60 -27.87 9.73 19.26
N GLY A 61 -28.38 8.94 18.33
CA GLY A 61 -29.81 8.86 18.13
C GLY A 61 -30.48 8.16 19.29
N LEU A 62 -29.74 7.23 19.89
CA LEU A 62 -30.28 6.41 20.96
C LEU A 62 -30.21 7.07 22.34
N LEU A 63 -29.31 8.05 22.50
CA LEU A 63 -29.07 8.61 23.83
C LEU A 63 -29.28 10.13 23.95
N ARG A 64 -29.25 10.84 22.83
CA ARG A 64 -29.24 12.30 22.90
C ARG A 64 -30.24 13.00 21.98
N THR A 65 -31.13 12.23 21.35
CA THR A 65 -32.07 12.82 20.41
C THR A 65 -33.44 13.07 21.03
N VAL A 77 -31.02 8.71 31.55
CA VAL A 77 -31.22 8.12 30.23
C VAL A 77 -30.68 6.69 30.19
N SER A 78 -29.36 6.57 30.11
CA SER A 78 -28.70 5.27 30.03
C SER A 78 -28.86 4.48 31.33
N THR A 79 -29.23 5.18 32.40
CA THR A 79 -29.47 4.55 33.69
C THR A 79 -30.69 3.63 33.67
N TRP A 80 -31.63 3.87 32.75
CA TRP A 80 -32.87 3.09 32.72
C TRP A 80 -33.18 2.45 31.36
N LEU A 81 -32.15 2.19 30.56
CA LEU A 81 -32.33 1.61 29.22
C LEU A 81 -32.89 0.19 29.26
N SER A 82 -33.72 -0.13 28.26
CA SER A 82 -34.37 -1.44 28.15
C SER A 82 -33.47 -2.50 27.51
N ASP A 83 -33.96 -3.74 27.47
CA ASP A 83 -33.16 -4.88 27.02
C ASP A 83 -32.68 -4.79 25.57
N GLY A 84 -33.51 -4.28 24.67
CA GLY A 84 -33.10 -4.11 23.28
C GLY A 84 -32.20 -2.90 23.13
N ALA A 85 -32.48 -1.89 23.94
CA ALA A 85 -31.76 -0.62 23.86
C ALA A 85 -30.33 -0.77 24.30
N VAL A 86 -30.11 -1.43 25.45
CA VAL A 86 -28.76 -1.65 25.95
C VAL A 86 -27.95 -2.50 24.98
N ALA A 87 -28.63 -3.43 24.30
CA ALA A 87 -27.95 -4.33 23.39
C ALA A 87 -27.49 -3.57 22.14
N ALA A 88 -28.41 -2.84 21.51
CA ALA A 88 -28.05 -2.12 20.30
C ALA A 88 -27.00 -1.05 20.63
N CYS A 89 -27.13 -0.47 21.81
CA CYS A 89 -26.22 0.58 22.25
C CYS A 89 -24.81 0.03 22.48
N ARG A 90 -24.71 -1.13 23.14
CA ARG A 90 -23.42 -1.76 23.38
C ARG A 90 -22.75 -2.24 22.10
N VAL A 91 -23.55 -2.77 21.17
CA VAL A 91 -23.01 -3.24 19.90
C VAL A 91 -22.44 -2.05 19.14
N ALA A 92 -23.18 -0.94 19.17
CA ALA A 92 -22.72 0.27 18.51
C ALA A 92 -21.45 0.82 19.18
N ALA A 93 -21.36 0.66 20.49
CA ALA A 93 -20.17 1.12 21.21
C ALA A 93 -18.94 0.31 20.80
N VAL A 94 -19.12 -1.00 20.66
CA VAL A 94 -18.01 -1.85 20.25
C VAL A 94 -17.58 -1.47 18.83
N PHE A 95 -18.56 -1.26 17.95
CA PHE A 95 -18.23 -0.89 16.58
C PHE A 95 -17.53 0.46 16.50
N MET A 96 -17.88 1.36 17.41
CA MET A 96 -17.25 2.67 17.45
C MET A 96 -15.79 2.54 17.86
N GLN A 97 -15.52 1.79 18.92
CA GLN A 97 -14.14 1.62 19.37
C GLN A 97 -13.30 0.95 18.27
N TYR A 98 -13.92 -0.06 17.66
CA TYR A 98 -13.25 -0.83 16.63
C TYR A 98 -12.92 0.03 15.43
N GLY A 99 -13.82 0.94 15.09
CA GLY A 99 -13.61 1.83 13.96
C GLY A 99 -12.52 2.83 14.28
N ILE A 100 -12.48 3.30 15.52
CA ILE A 100 -11.48 4.28 15.89
C ILE A 100 -10.08 3.68 15.81
N VAL A 101 -9.88 2.51 16.41
CA VAL A 101 -8.55 1.89 16.32
C VAL A 101 -8.20 1.49 14.88
N ALA A 102 -9.22 1.07 14.13
CA ALA A 102 -9.01 0.66 12.74
C ALA A 102 -8.58 1.84 11.87
N ASN A 103 -9.03 3.04 12.24
CA ASN A 103 -8.62 4.23 11.50
C ASN A 103 -7.11 4.39 11.51
N TYR A 104 -6.53 4.39 12.70
CA TYR A 104 -5.08 4.55 12.84
C TYR A 104 -4.30 3.35 12.32
N CYS A 105 -4.85 2.15 12.45
CA CYS A 105 -4.17 0.99 11.88
C CYS A 105 -4.13 1.03 10.36
N TRP A 106 -5.19 1.57 9.74
CA TRP A 106 -5.22 1.65 8.28
C TRP A 106 -4.41 2.84 7.79
N LEU A 107 -4.30 3.88 8.61
CA LEU A 107 -3.39 4.97 8.30
C LEU A 107 -1.95 4.43 8.33
N LEU A 108 -1.72 3.49 9.24
CA LEU A 108 -0.42 2.84 9.34
C LEU A 108 -0.16 2.00 8.09
N VAL A 109 -1.18 1.29 7.65
CA VAL A 109 -1.05 0.49 6.42
C VAL A 109 -0.79 1.41 5.23
N GLU A 110 -1.40 2.59 5.27
CA GLU A 110 -1.20 3.57 4.21
C GLU A 110 0.26 4.02 4.17
N GLY A 111 0.83 4.23 5.35
CA GLY A 111 2.22 4.63 5.43
C GLY A 111 3.13 3.51 4.96
N LEU A 112 2.78 2.27 5.30
CA LEU A 112 3.57 1.12 4.88
C LEU A 112 3.56 0.94 3.37
N TYR A 113 2.39 1.10 2.77
CA TYR A 113 2.27 0.94 1.33
C TYR A 113 3.04 2.02 0.60
N LEU A 114 2.90 3.27 1.06
CA LEU A 114 3.62 4.34 0.39
C LEU A 114 5.12 4.14 0.52
N HIS A 115 5.55 3.72 1.71
CA HIS A 115 6.96 3.49 1.97
C HIS A 115 7.54 2.39 1.09
N ASN A 116 6.80 1.30 0.94
CA ASN A 116 7.24 0.23 0.07
C ASN A 116 7.19 0.60 -1.41
N LEU A 117 6.23 1.44 -1.78
CA LEU A 117 6.10 1.89 -3.16
C LEU A 117 7.28 2.77 -3.58
N LEU A 118 7.73 3.61 -2.65
CA LEU A 118 8.87 4.48 -2.94
C LEU A 118 10.16 3.71 -3.17
N GLY A 119 10.26 2.53 -2.54
CA GLY A 119 11.46 1.72 -2.63
C GLY A 119 11.49 0.83 -3.86
N LEU A 120 10.42 0.84 -4.64
CA LEU A 120 10.31 -0.06 -5.78
C LEU A 120 10.88 0.53 -7.06
N ASN A 121 11.70 -0.27 -7.73
CA ASN A 121 12.27 0.06 -9.02
C ASN A 121 12.70 -1.22 -9.72
N ILE A 122 13.42 -1.09 -10.83
CA ILE A 122 13.91 -2.26 -11.56
C ILE A 122 14.85 -3.07 -10.67
N PHE A 123 15.61 -2.37 -9.85
CA PHE A 123 16.58 -3.00 -8.97
C PHE A 123 15.89 -3.83 -7.90
N GLU A 124 14.90 -3.25 -7.24
CA GLU A 124 14.16 -3.96 -6.21
C GLU A 124 13.31 -5.10 -6.80
N MET A 125 12.81 -4.90 -8.01
CA MET A 125 11.98 -5.91 -8.66
C MET A 125 12.81 -7.14 -9.01
N LEU A 126 13.97 -6.92 -9.63
CA LEU A 126 14.87 -8.03 -9.91
C LEU A 126 15.40 -8.64 -8.62
N ARG A 127 15.56 -7.81 -7.60
CA ARG A 127 16.04 -8.26 -6.30
C ARG A 127 15.05 -9.18 -5.62
N ILE A 128 13.76 -8.96 -5.89
CA ILE A 128 12.71 -9.80 -5.37
C ILE A 128 12.59 -11.09 -6.18
N ASP A 129 12.70 -10.96 -7.51
CA ASP A 129 12.53 -12.12 -8.37
C ASP A 129 13.74 -13.05 -8.45
N GLU A 130 14.89 -12.58 -7.99
CA GLU A 130 16.12 -13.38 -8.09
C GLU A 130 16.74 -13.69 -6.72
N GLY A 131 16.49 -12.82 -5.76
CA GLY A 131 17.04 -13.01 -4.42
C GLY A 131 18.52 -12.70 -4.38
N LEU A 132 19.19 -13.12 -3.32
CA LEU A 132 20.63 -12.91 -3.19
C LEU A 132 21.31 -14.12 -2.55
N ARG A 133 22.09 -14.83 -3.35
CA ARG A 133 22.83 -16.00 -2.87
C ARG A 133 24.32 -15.75 -2.94
N LEU A 134 24.97 -15.70 -1.78
CA LEU A 134 26.41 -15.47 -1.73
C LEU A 134 27.20 -16.70 -2.15
N LYS A 135 26.56 -17.86 -2.17
CA LYS A 135 27.18 -19.07 -2.68
C LYS A 135 26.56 -19.48 -4.02
N ILE A 136 27.33 -20.17 -4.85
CA ILE A 136 26.85 -20.64 -6.14
C ILE A 136 25.71 -21.66 -6.01
N TYR A 137 24.77 -21.62 -6.94
CA TYR A 137 23.61 -22.50 -6.91
C TYR A 137 23.07 -22.72 -8.33
N LYS A 138 22.29 -23.78 -8.52
CA LYS A 138 21.61 -23.99 -9.79
C LYS A 138 20.33 -23.17 -9.87
N ASP A 139 20.06 -22.59 -11.04
CA ASP A 139 18.87 -21.76 -11.21
C ASP A 139 17.69 -22.59 -11.71
N TYR A 143 21.64 -24.36 -14.40
CA TYR A 143 22.85 -23.58 -14.64
C TYR A 143 23.36 -22.95 -13.36
N TYR A 144 24.67 -22.99 -13.15
CA TYR A 144 25.26 -22.37 -11.96
C TYR A 144 25.08 -20.86 -11.97
N THR A 145 24.80 -20.31 -10.79
CA THR A 145 24.46 -18.90 -10.64
C THR A 145 24.87 -18.44 -9.25
N ILE A 146 25.16 -17.16 -9.10
CA ILE A 146 25.54 -16.60 -7.80
C ILE A 146 25.10 -15.14 -7.71
N GLY A 147 25.09 -14.61 -6.49
CA GLY A 147 24.66 -13.24 -6.26
C GLY A 147 23.19 -13.07 -6.57
N ILE A 148 22.88 -12.05 -7.39
CA ILE A 148 21.50 -11.78 -7.77
C ILE A 148 21.23 -12.18 -9.21
N GLY A 149 21.07 -13.49 -9.45
CA GLY A 149 20.63 -13.98 -10.74
C GLY A 149 21.67 -13.91 -11.83
N HIS A 150 22.93 -13.75 -11.43
CA HIS A 150 24.01 -13.61 -12.40
C HIS A 150 24.50 -14.95 -12.93
N LEU A 151 24.27 -15.19 -14.22
CA LEU A 151 24.71 -16.44 -14.86
C LEU A 151 26.23 -16.52 -14.87
N LEU A 152 26.76 -17.71 -14.55
CA LEU A 152 28.19 -17.95 -14.61
C LEU A 152 28.53 -18.73 -15.87
N THR A 153 28.00 -19.95 -15.95
CA THR A 153 28.15 -20.76 -17.15
C THR A 153 27.06 -21.82 -17.22
N LYS A 154 26.75 -22.25 -18.44
CA LYS A 154 25.77 -23.31 -18.66
C LYS A 154 26.44 -24.69 -18.59
N SER A 155 27.76 -24.69 -18.43
CA SER A 155 28.52 -25.93 -18.29
C SER A 155 28.19 -26.64 -16.98
N PRO A 156 27.93 -27.95 -17.06
CA PRO A 156 27.64 -28.79 -15.88
C PRO A 156 28.77 -28.80 -14.86
N SER A 157 30.01 -28.65 -15.33
CA SER A 157 31.16 -28.65 -14.44
C SER A 157 31.08 -27.53 -13.41
N LEU A 158 31.34 -27.87 -12.15
CA LEU A 158 31.28 -26.91 -11.06
C LEU A 158 32.52 -26.02 -11.04
N ASN A 159 33.66 -26.64 -11.28
CA ASN A 159 34.93 -25.92 -11.35
C ASN A 159 34.95 -24.91 -12.49
N ALA A 160 34.28 -25.25 -13.59
CA ALA A 160 34.17 -24.35 -14.73
C ALA A 160 33.40 -23.08 -14.36
N ALA A 161 32.43 -23.23 -13.46
CA ALA A 161 31.65 -22.08 -12.99
C ALA A 161 32.45 -21.26 -11.98
N LYS A 162 33.12 -21.96 -11.09
CA LYS A 162 33.95 -21.31 -10.08
C LYS A 162 35.09 -20.53 -10.71
N SER A 163 35.59 -21.02 -11.85
CA SER A 163 36.66 -20.34 -12.55
C SER A 163 36.19 -19.01 -13.12
N GLU A 164 34.99 -19.02 -13.71
CA GLU A 164 34.42 -17.80 -14.25
C GLU A 164 34.08 -16.81 -13.13
N LEU A 165 33.70 -17.34 -11.98
CA LEU A 165 33.40 -16.48 -10.84
C LEU A 165 34.66 -15.81 -10.31
N ASP A 166 35.70 -16.61 -10.09
CA ASP A 166 36.96 -16.10 -9.56
C ASP A 166 37.62 -15.14 -10.54
N LYS A 167 37.47 -15.41 -11.83
CA LYS A 167 38.00 -14.52 -12.85
C LYS A 167 37.23 -13.20 -12.88
N ALA A 168 35.92 -13.30 -12.75
CA ALA A 168 35.07 -12.11 -12.76
C ALA A 168 35.30 -11.21 -11.54
N ILE A 169 35.62 -11.82 -10.39
CA ILE A 169 35.81 -11.05 -9.17
C ILE A 169 37.29 -10.74 -8.93
N GLY A 170 38.18 -11.47 -9.59
CA GLY A 170 39.60 -11.22 -9.46
C GLY A 170 40.22 -11.74 -8.18
N ARG A 171 39.61 -12.75 -7.58
CA ARG A 171 40.16 -13.39 -6.39
C ARG A 171 39.63 -14.82 -6.21
N ASN A 172 40.34 -15.63 -5.43
CA ASN A 172 39.88 -16.97 -5.10
C ASN A 172 38.71 -16.90 -4.11
N THR A 173 37.50 -16.92 -4.65
CA THR A 173 36.29 -16.83 -3.82
C THR A 173 35.85 -18.16 -3.22
N ASN A 174 36.37 -19.27 -3.77
CA ASN A 174 35.96 -20.61 -3.38
C ASN A 174 34.44 -20.79 -3.46
N GLY A 175 33.81 -20.10 -4.40
CA GLY A 175 32.39 -20.21 -4.62
C GLY A 175 31.54 -19.37 -3.67
N VAL A 176 32.19 -18.65 -2.78
CA VAL A 176 31.50 -17.83 -1.80
C VAL A 176 31.93 -16.36 -1.91
N ILE A 177 30.95 -15.47 -1.97
CA ILE A 177 31.21 -14.04 -2.18
C ILE A 177 30.53 -13.18 -1.12
N THR A 178 30.87 -11.90 -1.10
CA THR A 178 30.23 -10.94 -0.21
C THR A 178 29.07 -10.23 -0.90
N LYS A 179 28.20 -9.59 -0.11
CA LYS A 179 27.03 -8.90 -0.66
C LYS A 179 27.42 -7.72 -1.55
N ASP A 180 28.51 -7.03 -1.20
CA ASP A 180 28.97 -5.90 -1.97
C ASP A 180 29.40 -6.32 -3.38
N GLU A 181 30.11 -7.44 -3.45
CA GLU A 181 30.54 -7.97 -4.74
C GLU A 181 29.34 -8.40 -5.59
N ALA A 182 28.33 -8.94 -4.92
CA ALA A 182 27.14 -9.45 -5.61
C ALA A 182 26.34 -8.31 -6.23
N GLU A 183 26.12 -7.26 -5.43
CA GLU A 183 25.41 -6.10 -5.94
C GLU A 183 26.23 -5.34 -6.97
N LYS A 184 27.56 -5.41 -6.83
CA LYS A 184 28.46 -4.85 -7.84
C LYS A 184 28.27 -5.57 -9.17
N LEU A 185 28.08 -6.89 -9.12
CA LEU A 185 27.75 -7.62 -10.34
C LEU A 185 26.37 -7.22 -10.85
N PHE A 186 25.48 -6.95 -9.91
CA PHE A 186 24.09 -6.66 -10.22
C PHE A 186 23.94 -5.39 -11.06
N ASN A 187 24.63 -4.33 -10.65
CA ASN A 187 24.55 -3.06 -11.39
C ASN A 187 25.03 -3.21 -12.83
N GLN A 188 26.10 -3.99 -12.99
CA GLN A 188 26.66 -4.24 -14.31
C GLN A 188 25.67 -4.97 -15.18
N ASP A 189 25.03 -6.00 -14.60
CA ASP A 189 24.08 -6.77 -15.39
C ASP A 189 22.88 -5.93 -15.81
N VAL A 190 22.46 -5.00 -14.94
CA VAL A 190 21.36 -4.12 -15.31
C VAL A 190 21.76 -3.19 -16.47
N ASP A 191 22.97 -2.64 -16.37
CA ASP A 191 23.48 -1.76 -17.42
C ASP A 191 23.53 -2.51 -18.76
N ALA A 192 24.10 -3.71 -18.73
CA ALA A 192 24.25 -4.51 -19.93
C ALA A 192 22.92 -4.89 -20.54
N ALA A 193 21.92 -5.13 -19.69
CA ALA A 193 20.59 -5.47 -20.18
C ALA A 193 19.99 -4.27 -20.92
N VAL A 194 20.10 -3.10 -20.31
CA VAL A 194 19.52 -1.91 -20.94
C VAL A 194 20.22 -1.57 -22.27
N ARG A 195 21.54 -1.72 -22.30
CA ARG A 195 22.27 -1.48 -23.54
C ARG A 195 21.89 -2.51 -24.61
N GLY A 196 21.60 -3.73 -24.15
CA GLY A 196 21.21 -4.79 -25.05
C GLY A 196 19.88 -4.50 -25.68
N ILE A 197 18.98 -3.90 -24.90
CA ILE A 197 17.69 -3.49 -25.45
C ILE A 197 17.85 -2.32 -26.43
N LEU A 198 18.66 -1.34 -26.05
CA LEU A 198 18.84 -0.16 -26.89
C LEU A 198 19.51 -0.48 -28.24
N ARG A 199 20.43 -1.43 -28.23
CA ARG A 199 21.11 -1.83 -29.47
C ARG A 199 20.22 -2.68 -30.37
N ASN A 200 19.31 -3.44 -29.77
CA ASN A 200 18.44 -4.32 -30.53
C ASN A 200 17.48 -3.54 -31.43
N ALA A 201 17.33 -4.00 -32.67
CA ALA A 201 16.46 -3.33 -33.63
C ALA A 201 14.99 -3.56 -33.34
N LYS A 202 14.66 -4.76 -32.86
CA LYS A 202 13.27 -5.14 -32.62
C LYS A 202 12.82 -4.92 -31.18
N LEU A 203 13.72 -4.40 -30.35
CA LEU A 203 13.38 -4.16 -28.95
C LEU A 203 13.37 -2.67 -28.60
N LYS A 204 14.24 -1.90 -29.24
CA LYS A 204 14.36 -0.47 -28.96
C LYS A 204 13.08 0.36 -29.18
N PRO A 205 12.44 0.24 -30.37
CA PRO A 205 11.20 1.04 -30.54
C PRO A 205 10.14 0.74 -29.50
N VAL A 206 10.08 -0.52 -29.08
CA VAL A 206 9.13 -0.94 -28.07
C VAL A 206 9.45 -0.31 -26.73
N TYR A 207 10.73 -0.34 -26.36
CA TYR A 207 11.20 0.22 -25.11
C TYR A 207 11.05 1.74 -25.05
N ASP A 208 11.20 2.40 -26.20
CA ASP A 208 11.10 3.86 -26.25
C ASP A 208 9.68 4.33 -25.97
N SER A 209 8.71 3.62 -26.51
CA SER A 209 7.31 3.97 -26.33
C SER A 209 6.73 3.23 -25.14
N LEU A 210 7.32 3.45 -23.97
CA LEU A 210 6.87 2.81 -22.74
C LEU A 210 7.12 3.70 -21.51
N ASP A 211 6.21 3.61 -20.56
CA ASP A 211 6.34 4.28 -19.27
C ASP A 211 7.41 3.55 -18.45
N ALA A 212 7.93 4.22 -17.41
CA ALA A 212 9.09 3.71 -16.69
C ALA A 212 8.87 2.33 -16.08
N VAL A 213 7.66 2.09 -15.58
CA VAL A 213 7.35 0.82 -14.91
C VAL A 213 7.40 -0.35 -15.90
N ARG A 214 6.74 -0.19 -17.04
CA ARG A 214 6.73 -1.23 -18.07
C ARG A 214 8.10 -1.40 -18.71
N ARG A 215 8.87 -0.32 -18.76
CA ARG A 215 10.25 -0.40 -19.24
C ARG A 215 11.02 -1.33 -18.31
N ALA A 216 10.81 -1.14 -17.01
CA ALA A 216 11.44 -2.01 -16.03
C ALA A 216 10.95 -3.45 -16.24
N ALA A 217 9.69 -3.59 -16.61
CA ALA A 217 9.11 -4.91 -16.84
C ALA A 217 9.77 -5.62 -18.03
N LEU A 218 10.16 -4.88 -19.05
CA LEU A 218 10.85 -5.46 -20.20
C LEU A 218 12.28 -5.83 -19.81
N ILE A 219 12.91 -4.95 -19.04
CA ILE A 219 14.28 -5.18 -18.60
C ILE A 219 14.37 -6.42 -17.71
N ASN A 220 13.29 -6.71 -17.00
CA ASN A 220 13.24 -7.93 -16.17
C ASN A 220 13.43 -9.18 -17.02
N MET A 221 12.64 -9.26 -18.10
CA MET A 221 12.73 -10.39 -19.01
C MET A 221 14.10 -10.46 -19.69
N VAL A 222 14.66 -9.30 -20.04
CA VAL A 222 15.98 -9.32 -20.67
C VAL A 222 17.04 -9.84 -19.68
N PHE A 223 16.87 -9.48 -18.41
CA PHE A 223 17.78 -9.91 -17.36
C PHE A 223 17.64 -11.42 -17.11
N GLN A 224 16.46 -11.96 -17.37
CA GLN A 224 16.23 -13.38 -17.13
C GLN A 224 16.63 -14.29 -18.29
N MET A 225 16.17 -13.97 -19.49
CA MET A 225 16.35 -14.86 -20.63
C MET A 225 17.29 -14.30 -21.71
N GLY A 226 17.98 -13.21 -21.39
CA GLY A 226 18.91 -12.62 -22.33
C GLY A 226 18.22 -11.70 -23.33
N GLU A 227 19.01 -11.09 -24.20
CA GLU A 227 18.49 -10.12 -25.16
C GLU A 227 17.66 -10.78 -26.26
N THR A 228 18.25 -11.79 -26.90
CA THR A 228 17.60 -12.49 -28.00
C THR A 228 16.38 -13.26 -27.52
N GLY A 229 16.39 -13.65 -26.25
CA GLY A 229 15.29 -14.41 -25.68
C GLY A 229 14.02 -13.58 -25.61
N VAL A 230 14.16 -12.30 -25.33
CA VAL A 230 13.03 -11.38 -25.35
C VAL A 230 12.77 -10.89 -26.77
N ALA A 231 13.82 -10.89 -27.59
CA ALA A 231 13.68 -10.49 -28.99
C ALA A 231 12.82 -11.50 -29.76
N GLY A 232 12.68 -12.70 -29.22
CA GLY A 232 11.94 -13.75 -29.88
C GLY A 232 10.44 -13.67 -29.75
N PHE A 233 9.96 -12.72 -28.95
CA PHE A 233 8.53 -12.49 -28.80
C PHE A 233 8.06 -11.29 -29.61
N THR A 234 8.49 -11.19 -30.86
CA THR A 234 8.19 -10.01 -31.67
C THR A 234 6.70 -9.79 -31.87
N ASN A 235 5.97 -10.89 -32.03
CA ASN A 235 4.51 -10.84 -32.16
C ASN A 235 3.86 -10.34 -30.87
N SER A 236 4.50 -10.62 -29.74
CA SER A 236 4.04 -10.11 -28.45
C SER A 236 4.61 -8.73 -28.16
N LEU A 237 5.67 -8.37 -28.86
CA LEU A 237 6.28 -7.04 -28.71
C LEU A 237 5.42 -5.98 -29.39
N ARG A 238 4.98 -6.28 -30.60
CA ARG A 238 4.17 -5.34 -31.37
C ARG A 238 2.84 -5.04 -30.68
N MET A 239 2.33 -6.01 -29.92
CA MET A 239 1.05 -5.84 -29.25
C MET A 239 1.11 -4.79 -28.15
N LEU A 240 2.12 -4.89 -27.28
CA LEU A 240 2.30 -3.88 -26.24
C LEU A 240 2.81 -2.58 -26.83
N GLN A 241 3.45 -2.65 -27.99
CA GLN A 241 3.83 -1.44 -28.71
C GLN A 241 2.57 -0.71 -29.20
N GLN A 242 1.52 -1.48 -29.46
CA GLN A 242 0.23 -0.95 -29.90
C GLN A 242 -0.65 -0.65 -28.69
N LYS A 243 -0.07 -0.84 -27.50
CA LYS A 243 -0.75 -0.63 -26.23
C LYS A 243 -1.94 -1.57 -26.03
N ARG A 244 -1.90 -2.73 -26.67
CA ARG A 244 -2.90 -3.78 -26.43
C ARG A 244 -2.46 -4.66 -25.27
N TRP A 245 -2.52 -4.11 -24.06
CA TRP A 245 -1.94 -4.77 -22.89
C TRP A 245 -2.60 -6.11 -22.54
N ASP A 246 -3.91 -6.21 -22.76
CA ASP A 246 -4.64 -7.42 -22.38
C ASP A 246 -4.25 -8.64 -23.20
N GLU A 247 -4.34 -8.52 -24.53
CA GLU A 247 -4.01 -9.64 -25.41
C GLU A 247 -2.53 -9.99 -25.31
N ALA A 248 -1.70 -8.98 -25.09
CA ALA A 248 -0.29 -9.21 -24.87
C ALA A 248 -0.08 -10.03 -23.61
N ALA A 249 -0.89 -9.75 -22.58
CA ALA A 249 -0.81 -10.51 -21.33
C ALA A 249 -1.25 -11.96 -21.52
N VAL A 250 -2.28 -12.16 -22.32
CA VAL A 250 -2.79 -13.51 -22.57
C VAL A 250 -1.76 -14.32 -23.34
N ASN A 251 -1.24 -13.73 -24.41
CA ASN A 251 -0.27 -14.42 -25.24
C ASN A 251 1.02 -14.68 -24.48
N LEU A 252 1.40 -13.77 -23.59
CA LEU A 252 2.56 -14.02 -22.74
C LEU A 252 2.30 -15.14 -21.76
N ALA A 253 1.05 -15.25 -21.30
CA ALA A 253 0.68 -16.33 -20.39
C ALA A 253 0.75 -17.68 -21.10
N LYS A 254 0.49 -17.67 -22.41
CA LYS A 254 0.56 -18.91 -23.19
C LYS A 254 1.99 -19.41 -23.43
N SER A 255 2.97 -18.51 -23.31
CA SER A 255 4.36 -18.80 -23.67
C SER A 255 5.04 -19.82 -22.76
N ARG A 256 6.04 -20.51 -23.30
CA ARG A 256 6.80 -21.53 -22.58
C ARG A 256 7.49 -20.94 -21.35
N TRP A 257 7.86 -19.67 -21.47
CA TRP A 257 8.49 -18.94 -20.36
C TRP A 257 7.55 -18.86 -19.16
N TYR A 258 6.25 -18.84 -19.43
CA TYR A 258 5.27 -18.87 -18.36
C TYR A 258 5.22 -20.24 -17.69
N ASN A 259 5.29 -21.30 -18.51
CA ASN A 259 5.26 -22.66 -17.98
C ASN A 259 6.48 -22.99 -17.13
N GLN A 260 7.63 -22.41 -17.46
CA GLN A 260 8.84 -22.70 -16.70
C GLN A 260 8.91 -21.92 -15.39
N THR A 261 8.53 -20.64 -15.41
CA THR A 261 8.54 -19.82 -14.19
C THR A 261 7.24 -19.03 -14.03
N PRO A 262 6.14 -19.73 -13.71
CA PRO A 262 4.84 -19.06 -13.58
C PRO A 262 4.76 -17.95 -12.54
N ASN A 263 5.43 -18.12 -11.39
CA ASN A 263 5.29 -17.17 -10.29
C ASN A 263 5.91 -15.81 -10.57
N ARG A 264 6.99 -15.82 -11.35
CA ARG A 264 7.67 -14.60 -11.75
C ARG A 264 6.95 -13.97 -12.94
N ALA A 265 6.54 -14.84 -13.86
CA ALA A 265 5.86 -14.42 -15.07
C ALA A 265 4.54 -13.75 -14.76
N LYS A 266 3.88 -14.15 -13.68
CA LYS A 266 2.61 -13.51 -13.31
C LYS A 266 2.86 -12.07 -12.88
N ARG A 267 3.91 -11.86 -12.09
CA ARG A 267 4.23 -10.53 -11.60
C ARG A 267 4.67 -9.60 -12.74
N VAL A 268 5.45 -10.15 -13.66
CA VAL A 268 5.91 -9.35 -14.80
C VAL A 268 4.76 -9.03 -15.77
N ILE A 269 3.94 -10.05 -16.03
CA ILE A 269 2.80 -9.90 -16.94
C ILE A 269 1.80 -8.89 -16.39
N THR A 270 1.52 -8.99 -15.09
CA THR A 270 0.64 -8.02 -14.44
C THR A 270 1.28 -6.64 -14.39
N THR A 271 2.61 -6.60 -14.34
CA THR A 271 3.30 -5.31 -14.43
C THR A 271 3.09 -4.67 -15.80
N PHE A 272 3.02 -5.51 -16.83
CA PHE A 272 2.72 -5.01 -18.18
C PHE A 272 1.26 -4.60 -18.33
N ARG A 273 0.39 -5.41 -17.74
CA ARG A 273 -1.06 -5.29 -17.90
C ARG A 273 -1.63 -4.11 -17.14
N THR A 274 -1.13 -3.90 -15.94
CA THR A 274 -1.65 -2.85 -15.06
C THR A 274 -0.83 -1.56 -15.13
N GLY A 275 0.46 -1.69 -15.44
CA GLY A 275 1.33 -0.53 -15.48
C GLY A 275 1.68 -0.05 -14.08
N THR A 276 1.45 -0.93 -13.10
CA THR A 276 1.67 -0.59 -11.70
C THR A 276 2.64 -1.55 -11.03
N TRP A 277 3.06 -1.19 -9.82
CA TRP A 277 3.94 -2.03 -9.02
C TRP A 277 3.13 -2.98 -8.14
N ASP A 278 1.84 -3.11 -8.44
CA ASP A 278 0.91 -3.84 -7.57
C ASP A 278 1.28 -5.30 -7.35
N ALA A 279 1.94 -5.91 -8.34
CA ALA A 279 2.38 -7.29 -8.21
C ALA A 279 3.46 -7.40 -7.13
N TYR A 280 4.12 -6.28 -6.86
CA TYR A 280 5.22 -6.26 -5.90
C TYR A 280 4.86 -5.44 -4.65
N PRO A 281 5.33 -5.89 -3.48
CA PRO A 281 6.09 -7.13 -3.33
C PRO A 281 5.20 -8.33 -3.02
N GLU A 282 5.24 -9.34 -3.89
CA GLU A 282 4.59 -10.64 -3.63
C GLU A 282 3.07 -10.59 -3.58
N ARG A 283 2.45 -11.72 -3.95
CA ARG A 283 1.01 -11.92 -3.77
C ARG A 283 0.68 -12.15 -2.29
N SER A 284 -0.56 -11.85 -1.92
CA SER A 284 -1.07 -12.08 -0.57
C SER A 284 -0.28 -11.34 0.50
N PHE A 285 0.52 -10.37 0.07
CA PHE A 285 1.14 -9.43 0.98
C PHE A 285 0.07 -8.50 1.54
N PHE A 286 -1.01 -8.38 0.78
CA PHE A 286 -2.18 -7.59 1.17
C PHE A 286 -2.88 -8.19 2.39
N SER A 287 -2.72 -9.50 2.58
CA SER A 287 -3.33 -10.16 3.73
C SER A 287 -2.72 -9.64 5.03
N LEU A 288 -1.44 -9.28 4.98
CA LEU A 288 -0.79 -8.65 6.12
C LEU A 288 -1.43 -7.30 6.41
N TYR A 289 -1.77 -6.58 5.34
CA TYR A 289 -2.45 -5.29 5.47
C TYR A 289 -3.82 -5.47 6.10
N LEU A 290 -4.50 -6.55 5.71
CA LEU A 290 -5.80 -6.88 6.28
C LEU A 290 -5.68 -7.21 7.76
N GLY A 291 -4.60 -7.89 8.11
CA GLY A 291 -4.39 -8.30 9.49
C GLY A 291 -4.07 -7.13 10.38
N ILE A 292 -3.32 -6.18 9.85
CA ILE A 292 -3.00 -4.98 10.60
C ILE A 292 -4.22 -4.07 10.72
N GLY A 293 -4.90 -3.84 9.61
CA GLY A 293 -5.99 -2.89 9.60
C GLY A 293 -7.28 -3.36 10.25
N TRP A 294 -7.58 -4.65 10.14
CA TRP A 294 -8.82 -5.17 10.71
C TRP A 294 -8.57 -6.10 11.89
N GLY A 295 -7.57 -6.98 11.78
CA GLY A 295 -7.29 -7.95 12.83
C GLY A 295 -6.68 -7.38 14.10
N ALA A 296 -5.66 -6.54 13.93
CA ALA A 296 -4.99 -5.94 15.07
C ALA A 296 -5.96 -5.16 15.98
N PRO A 297 -6.83 -4.30 15.39
CA PRO A 297 -7.83 -3.69 16.28
C PRO A 297 -8.72 -4.69 17.00
N ALA A 298 -9.03 -5.81 16.35
CA ALA A 298 -9.87 -6.82 16.97
C ALA A 298 -9.17 -7.43 18.18
N LEU A 299 -7.85 -7.55 18.07
CA LEU A 299 -7.03 -8.13 19.14
C LEU A 299 -7.11 -7.33 20.44
N PHE A 300 -7.35 -6.03 20.34
CA PHE A 300 -7.40 -5.19 21.52
C PHE A 300 -8.83 -4.87 21.94
N VAL A 301 -9.68 -4.65 20.94
CA VAL A 301 -11.06 -4.28 21.21
C VAL A 301 -11.88 -5.46 21.75
N VAL A 302 -11.74 -6.63 21.17
CA VAL A 302 -12.54 -7.77 21.64
C VAL A 302 -12.32 -8.13 23.12
N PRO A 303 -11.04 -8.33 23.55
CA PRO A 303 -10.85 -8.66 24.97
C PRO A 303 -11.37 -7.59 25.92
N TRP A 304 -11.26 -6.33 25.52
CA TRP A 304 -11.73 -5.28 26.40
C TRP A 304 -13.25 -5.18 26.39
N ALA A 305 -13.87 -5.57 25.29
CA ALA A 305 -15.32 -5.69 25.27
C ALA A 305 -15.73 -6.80 26.24
N VAL A 306 -14.89 -7.83 26.33
CA VAL A 306 -15.14 -8.91 27.26
C VAL A 306 -15.04 -8.41 28.71
N VAL A 307 -14.03 -7.59 28.99
CA VAL A 307 -13.88 -7.03 30.33
C VAL A 307 -15.03 -6.08 30.68
N LYS A 308 -15.52 -5.36 29.67
CA LYS A 308 -16.63 -4.44 29.86
C LYS A 308 -17.90 -5.21 30.19
N CYS A 309 -18.18 -6.23 29.40
CA CYS A 309 -19.37 -7.05 29.60
C CYS A 309 -19.31 -7.82 30.92
N LEU A 310 -18.11 -8.20 31.35
CA LEU A 310 -17.94 -8.99 32.56
C LEU A 310 -17.98 -8.18 33.86
N PHE A 311 -17.37 -7.00 33.86
CA PHE A 311 -17.13 -6.30 35.11
C PHE A 311 -17.71 -4.88 35.16
N GLU A 312 -17.81 -4.25 33.99
CA GLU A 312 -18.28 -2.87 33.93
C GLU A 312 -19.54 -2.76 33.07
N ASN A 313 -20.34 -3.83 33.07
CA ASN A 313 -21.53 -3.88 32.25
C ASN A 313 -22.63 -3.00 32.84
N VAL A 314 -22.47 -1.70 32.66
CA VAL A 314 -23.40 -0.71 33.21
C VAL A 314 -23.64 0.36 32.15
N GLN A 315 -24.84 0.94 32.16
CA GLN A 315 -25.25 1.91 31.16
C GLN A 315 -25.07 1.38 29.74
N CYS A 316 -24.12 1.95 29.02
CA CYS A 316 -23.85 1.57 27.64
C CYS A 316 -22.35 1.55 27.37
N TRP A 317 -21.57 1.29 28.42
CA TRP A 317 -20.11 1.29 28.32
C TRP A 317 -19.61 2.63 27.77
N THR A 318 -20.37 3.68 28.05
CA THR A 318 -20.10 5.00 27.47
C THR A 318 -19.14 5.81 28.34
N ASN A 322 -13.90 10.49 28.56
CA ASN A 322 -13.22 10.00 27.36
C ASN A 322 -14.02 10.26 26.09
N MET A 323 -15.24 10.76 26.28
CA MET A 323 -16.12 11.14 25.16
C MET A 323 -16.39 9.99 24.19
N GLY A 324 -16.54 8.78 24.72
CA GLY A 324 -16.90 7.63 23.92
C GLY A 324 -15.79 6.60 23.79
N PHE A 325 -14.63 7.04 23.35
CA PHE A 325 -13.47 6.16 23.17
C PHE A 325 -13.01 5.54 24.50
N TRP A 326 -12.77 4.24 24.52
CA TRP A 326 -12.31 3.58 25.74
C TRP A 326 -10.88 4.02 26.06
N TRP A 327 -10.63 4.28 27.35
CA TRP A 327 -9.37 4.85 27.79
C TRP A 327 -8.18 3.96 27.44
N ILE A 328 -8.33 2.70 27.79
CA ILE A 328 -7.29 1.69 27.76
C ILE A 328 -6.81 1.46 26.34
N LEU A 329 -7.67 1.81 25.39
CA LEU A 329 -7.40 1.59 23.97
C LEU A 329 -6.45 2.63 23.40
N ARG A 330 -6.05 3.61 24.20
CA ARG A 330 -5.06 4.59 23.75
C ARG A 330 -3.81 3.92 23.22
N PHE A 331 -3.30 2.99 24.00
CA PHE A 331 -1.99 2.39 23.79
C PHE A 331 -1.79 1.63 22.47
N PRO A 332 -2.73 0.76 22.07
CA PRO A 332 -2.50 0.26 20.71
C PRO A 332 -2.46 1.36 19.66
N VAL A 333 -3.29 2.39 19.81
CA VAL A 333 -3.29 3.50 18.88
C VAL A 333 -1.95 4.21 18.96
N PHE A 334 -1.46 4.34 20.20
CA PHE A 334 -0.16 4.96 20.42
C PHE A 334 0.87 4.18 19.64
N LEU A 335 0.76 2.85 19.71
CA LEU A 335 1.73 2.00 19.04
C LEU A 335 1.66 2.29 17.56
N ALA A 336 0.43 2.36 17.04
CA ALA A 336 0.24 2.58 15.62
C ALA A 336 0.79 3.94 15.23
N ILE A 337 0.65 4.90 16.13
CA ILE A 337 1.15 6.23 15.84
C ILE A 337 2.68 6.21 15.89
N LEU A 338 3.22 5.49 16.86
CA LEU A 338 4.67 5.49 17.07
C LEU A 338 5.36 4.94 15.83
N ILE A 339 4.88 3.80 15.37
CA ILE A 339 5.43 3.17 14.19
C ILE A 339 5.27 4.11 13.01
N ASN A 340 4.13 4.80 12.96
CA ASN A 340 3.85 5.69 11.84
C ASN A 340 4.91 6.76 11.78
N PHE A 341 5.37 7.20 12.95
CA PHE A 341 6.37 8.26 12.99
C PHE A 341 7.59 7.80 12.22
N PHE A 342 8.08 6.60 12.54
CA PHE A 342 9.31 6.15 11.93
C PHE A 342 9.10 5.93 10.45
N ILE A 343 7.86 5.60 10.07
CA ILE A 343 7.58 5.41 8.66
C ILE A 343 7.62 6.77 7.99
N PHE A 344 7.00 7.74 8.65
CA PHE A 344 6.87 9.09 8.12
C PHE A 344 8.25 9.61 7.77
N VAL A 345 9.14 9.56 8.76
CA VAL A 345 10.51 10.06 8.58
C VAL A 345 11.13 9.39 7.38
N ARG A 346 11.04 8.06 7.31
CA ARG A 346 11.72 7.34 6.24
C ARG A 346 11.16 7.78 4.90
N ILE A 347 9.85 7.98 4.84
CA ILE A 347 9.22 8.33 3.58
C ILE A 347 9.78 9.65 3.11
N VAL A 348 9.93 10.59 4.05
CA VAL A 348 10.41 11.90 3.66
C VAL A 348 11.79 11.75 3.07
N GLN A 349 12.59 10.89 3.70
CA GLN A 349 13.97 10.71 3.27
C GLN A 349 14.01 10.14 1.87
N LEU A 350 13.05 9.27 1.56
CA LEU A 350 13.03 8.69 0.23
C LEU A 350 12.59 9.76 -0.75
N LEU A 351 11.59 10.57 -0.35
CA LEU A 351 11.01 11.53 -1.28
C LEU A 351 12.06 12.52 -1.76
N VAL A 352 12.72 13.17 -0.80
CA VAL A 352 13.73 14.16 -1.12
C VAL A 352 14.85 13.51 -1.90
N ALA A 353 15.07 12.22 -1.67
CA ALA A 353 16.11 11.52 -2.42
C ALA A 353 15.68 11.44 -3.88
N LYS A 354 14.47 10.93 -4.10
CA LYS A 354 13.98 10.69 -5.46
C LYS A 354 13.85 12.00 -6.22
N LEU A 355 13.45 13.05 -5.50
CA LEU A 355 13.34 14.37 -6.11
C LEU A 355 14.71 14.95 -6.47
N ARG A 356 15.72 14.63 -5.65
CA ARG A 356 17.06 15.18 -5.88
C ARG A 356 17.73 14.49 -7.06
N ALA A 357 17.51 13.18 -7.15
CA ALA A 357 18.08 12.37 -8.22
C ALA A 357 17.23 12.51 -9.47
N ARG A 358 16.10 13.20 -9.33
CA ARG A 358 15.11 13.35 -10.40
C ARG A 358 14.64 11.98 -10.87
N GLN A 359 14.59 11.03 -9.94
CA GLN A 359 14.05 9.71 -10.21
C GLN A 359 12.54 9.80 -10.27
N MET A 360 12.02 10.93 -9.80
CA MET A 360 10.59 11.22 -9.84
C MET A 360 10.36 12.72 -9.77
N HIS A 361 9.13 13.16 -10.00
CA HIS A 361 8.77 14.57 -9.83
C HIS A 361 7.33 14.68 -9.32
N HIS A 362 6.86 15.91 -9.13
CA HIS A 362 5.59 16.14 -8.43
C HIS A 362 4.35 15.62 -9.16
N THR A 363 4.43 15.44 -10.46
CA THR A 363 3.29 14.90 -11.21
C THR A 363 3.15 13.39 -11.01
N ASP A 364 4.20 12.76 -10.48
CA ASP A 364 4.22 11.32 -10.26
C ASP A 364 3.19 10.88 -9.22
N TYR A 365 2.69 9.65 -9.39
CA TYR A 365 1.68 9.13 -8.47
C TYR A 365 2.17 9.00 -7.04
N ALA A 366 3.44 8.65 -6.87
CA ALA A 366 3.98 8.43 -5.53
C ALA A 366 3.99 9.74 -4.76
N PHE A 367 4.34 10.81 -5.46
CA PHE A 367 4.40 12.14 -4.84
C PHE A 367 3.00 12.59 -4.44
N ARG A 368 2.05 12.45 -5.36
CA ARG A 368 0.69 12.89 -5.12
C ARG A 368 0.04 12.08 -3.99
N LEU A 369 0.37 10.81 -3.90
CA LEU A 369 -0.08 9.99 -2.78
C LEU A 369 0.55 10.47 -1.48
N ALA A 370 1.82 10.86 -1.56
CA ALA A 370 2.54 11.37 -0.41
C ALA A 370 1.93 12.68 0.09
N LYS A 371 1.35 13.45 -0.82
CA LYS A 371 0.72 14.70 -0.41
C LYS A 371 -0.41 14.45 0.57
N SER A 372 -1.19 13.40 0.33
CA SER A 372 -2.30 13.08 1.21
C SER A 372 -1.84 12.35 2.47
N THR A 373 -1.04 11.30 2.27
CA THR A 373 -0.65 10.44 3.38
C THR A 373 0.25 11.17 4.39
N LEU A 374 1.14 12.02 3.88
CA LEU A 374 2.06 12.73 4.77
C LEU A 374 1.43 13.92 5.46
N THR A 375 0.23 14.33 5.04
CA THR A 375 -0.51 15.30 5.84
C THR A 375 -1.39 14.57 6.84
N LEU A 376 -2.02 13.50 6.38
CA LEU A 376 -2.96 12.78 7.23
C LEU A 376 -2.28 12.13 8.44
N ILE A 377 -1.10 11.56 8.24
CA ILE A 377 -0.44 10.91 9.38
C ILE A 377 -0.12 11.86 10.56
N PRO A 378 0.60 12.98 10.30
CA PRO A 378 0.76 13.95 11.40
C PRO A 378 -0.53 14.55 11.95
N LEU A 379 -1.52 14.77 11.08
CA LEU A 379 -2.73 15.44 11.52
C LEU A 379 -3.50 14.57 12.49
N LEU A 380 -3.76 13.34 12.05
CA LEU A 380 -4.49 12.39 12.88
C LEU A 380 -3.69 11.99 14.11
N GLY A 381 -2.38 11.88 13.96
CA GLY A 381 -1.54 11.47 15.07
C GLY A 381 -1.49 12.52 16.15
N VAL A 382 -1.20 13.76 15.76
CA VAL A 382 -1.14 14.86 16.70
C VAL A 382 -2.50 15.07 17.34
N HIS A 383 -3.56 14.90 16.54
CA HIS A 383 -4.90 15.07 17.10
C HIS A 383 -5.18 14.01 18.16
N PHE A 384 -4.78 12.76 17.91
CA PHE A 384 -5.05 11.72 18.88
C PHE A 384 -4.23 11.93 20.15
N VAL A 385 -2.99 12.40 20.01
CA VAL A 385 -2.16 12.62 21.19
C VAL A 385 -2.73 13.75 22.03
N VAL A 386 -3.17 14.81 21.36
CA VAL A 386 -3.78 15.95 22.04
C VAL A 386 -5.04 15.50 22.76
N PHE A 387 -5.82 14.65 22.10
CA PHE A 387 -7.05 14.14 22.70
C PHE A 387 -6.74 13.33 23.95
N ALA A 388 -5.67 12.54 23.86
CA ALA A 388 -5.28 11.67 24.95
C ALA A 388 -4.87 12.47 26.17
N PHE A 389 -4.08 13.52 25.94
CA PHE A 389 -3.65 14.37 27.05
C PHE A 389 -4.80 15.16 27.65
N VAL A 390 -5.65 15.73 26.79
CA VAL A 390 -6.75 16.57 27.26
C VAL A 390 -7.80 15.78 28.04
N THR A 391 -8.07 14.55 27.61
CA THR A 391 -9.08 13.75 28.29
C THR A 391 -8.67 13.36 29.70
N ASP A 392 -7.37 13.27 29.95
CA ASP A 392 -6.88 12.90 31.27
C ASP A 392 -6.71 14.08 32.23
N GLU A 393 -6.88 15.30 31.74
CA GLU A 393 -6.67 16.49 32.57
C GLU A 393 -7.67 16.58 33.73
N HIS A 394 -8.90 16.16 33.47
CA HIS A 394 -9.99 16.23 34.46
C HIS A 394 -10.06 17.57 35.18
N ARG A 400 -11.04 22.02 30.32
CA ARG A 400 -10.66 21.03 29.32
C ARG A 400 -11.82 20.68 28.41
N SER A 401 -13.04 20.94 28.87
CA SER A 401 -14.24 20.62 28.11
C SER A 401 -14.30 21.42 26.81
N ALA A 402 -13.74 22.63 26.84
CA ALA A 402 -13.71 23.49 25.66
C ALA A 402 -12.81 22.88 24.58
N LYS A 403 -11.61 22.48 24.98
CA LYS A 403 -10.66 21.89 24.05
C LYS A 403 -11.20 20.58 23.49
N LEU A 404 -11.94 19.85 24.31
CA LEU A 404 -12.55 18.61 23.88
C LEU A 404 -13.64 18.86 22.84
N PHE A 405 -14.52 19.82 23.11
CA PHE A 405 -15.59 20.11 22.18
C PHE A 405 -15.03 20.61 20.85
N PHE A 406 -13.97 21.40 20.91
CA PHE A 406 -13.40 21.96 19.69
C PHE A 406 -12.74 20.87 18.86
N ASP A 407 -11.87 20.09 19.50
CA ASP A 407 -11.13 19.05 18.80
C ASP A 407 -12.04 17.96 18.25
N LEU A 408 -13.11 17.64 18.99
CA LEU A 408 -14.02 16.60 18.53
C LEU A 408 -14.93 17.13 17.43
N ALA A 409 -15.27 18.41 17.51
CA ALA A 409 -16.04 19.05 16.45
C ALA A 409 -15.26 18.99 15.14
N LEU A 410 -14.01 19.40 15.16
CA LEU A 410 -13.20 19.30 13.95
C LEU A 410 -12.92 17.85 13.53
N SER A 411 -12.76 16.96 14.50
CA SER A 411 -12.42 15.58 14.21
C SER A 411 -13.58 14.82 13.57
N SER A 412 -14.80 15.32 13.78
CA SER A 412 -15.97 14.69 13.17
C SER A 412 -15.91 14.76 11.65
N PHE A 413 -15.17 15.74 11.13
CA PHE A 413 -15.05 15.95 9.68
C PHE A 413 -13.90 15.16 9.03
N GLN A 414 -13.20 14.36 9.83
CA GLN A 414 -12.02 13.66 9.35
C GLN A 414 -12.33 12.66 8.23
N GLY A 415 -13.52 12.05 8.26
CA GLY A 415 -13.87 11.09 7.23
C GLY A 415 -14.06 11.81 5.91
N LEU A 416 -14.62 13.01 6.00
CA LEU A 416 -14.77 13.86 4.83
C LEU A 416 -13.40 14.22 4.28
N LEU A 417 -12.47 14.55 5.19
CA LEU A 417 -11.14 14.95 4.76
C LEU A 417 -10.39 13.80 4.07
N VAL A 418 -10.53 12.59 4.61
CA VAL A 418 -9.88 11.43 4.01
C VAL A 418 -10.49 11.13 2.64
N ALA A 419 -11.81 11.21 2.55
CA ALA A 419 -12.50 10.94 1.30
C ALA A 419 -12.11 11.95 0.24
N VAL A 420 -11.88 13.19 0.65
CA VAL A 420 -11.49 14.23 -0.30
C VAL A 420 -10.04 14.06 -0.75
N LEU A 421 -9.16 13.83 0.21
CA LEU A 421 -7.73 13.69 -0.10
C LEU A 421 -7.38 12.46 -0.93
N TYR A 422 -8.05 11.34 -0.67
CA TYR A 422 -7.70 10.09 -1.37
C TYR A 422 -8.51 9.81 -2.62
N CYS A 423 -9.64 10.48 -2.77
CA CYS A 423 -10.54 10.16 -3.88
C CYS A 423 -10.87 11.36 -4.76
N PHE A 424 -11.55 12.35 -4.16
CA PHE A 424 -12.09 13.47 -4.93
C PHE A 424 -11.01 14.35 -5.57
N LEU A 425 -9.89 14.52 -4.88
CA LEU A 425 -8.79 15.32 -5.43
C LEU A 425 -7.83 14.49 -6.27
N ASN A 426 -8.00 13.17 -6.25
CA ASN A 426 -7.11 12.27 -6.95
C ASN A 426 -7.17 12.47 -8.46
N LYS A 427 -6.01 12.52 -9.11
CA LYS A 427 -5.96 12.81 -10.53
C LYS A 427 -6.57 11.71 -11.40
N GLU A 428 -6.32 10.46 -11.03
CA GLU A 428 -6.86 9.33 -11.80
C GLU A 428 -8.38 9.25 -11.70
N VAL A 429 -8.90 9.57 -10.52
CA VAL A 429 -10.34 9.55 -10.30
C VAL A 429 -11.00 10.63 -11.16
N GLN A 430 -10.48 11.85 -11.06
CA GLN A 430 -11.02 12.97 -11.81
C GLN A 430 -10.87 12.74 -13.31
N SER A 431 -9.78 12.08 -13.71
CA SER A 431 -9.55 11.79 -15.11
C SER A 431 -10.58 10.80 -15.63
N GLU A 432 -10.86 9.78 -14.84
CA GLU A 432 -11.87 8.80 -15.22
C GLU A 432 -13.26 9.42 -15.28
N LEU A 433 -13.54 10.34 -14.36
CA LEU A 433 -14.84 10.99 -14.34
C LEU A 433 -15.00 11.92 -15.55
N ARG A 434 -13.94 12.65 -15.88
CA ARG A 434 -13.94 13.52 -17.04
C ARG A 434 -14.07 12.70 -18.31
N ARG A 435 -13.50 11.50 -18.29
CA ARG A 435 -13.51 10.65 -19.47
C ARG A 435 -14.90 10.08 -19.71
N ARG A 436 -15.53 9.59 -18.65
CA ARG A 436 -16.89 9.07 -18.76
C ARG A 436 -17.89 10.18 -19.08
N TRP A 437 -17.63 11.38 -18.57
CA TRP A 437 -18.44 12.55 -18.89
C TRP A 437 -18.28 12.95 -20.36
N HIS A 438 -17.06 12.80 -20.86
CA HIS A 438 -16.71 13.24 -22.22
C HIS A 438 -17.19 12.25 -23.26
N ARG A 439 -17.28 10.97 -22.87
CA ARG A 439 -17.76 9.93 -23.76
C ARG A 439 -19.21 10.18 -24.13
N ALA A 440 -19.96 10.77 -23.21
CA ALA A 440 -21.37 11.05 -23.42
C ALA A 440 -21.56 12.31 -24.26
#